data_3KFQ
#
_entry.id   3KFQ
#
_cell.length_a   59.313
_cell.length_b   107.290
_cell.length_c   115.980
_cell.angle_alpha   90.00
_cell.angle_beta   90.00
_cell.angle_gamma   90.00
#
_symmetry.space_group_name_H-M   'P 21 21 21'
#
loop_
_entity.id
_entity.type
_entity.pdbx_description
1 polymer 'Cathepsin L2'
2 polymer Cystatin-A
3 water water
#
loop_
_entity_poly.entity_id
_entity_poly.type
_entity_poly.pdbx_seq_one_letter_code
_entity_poly.pdbx_strand_id
1 'polypeptide(L)'
;LPKSVDWRKKGYVTPVKNQKQCGS(SCH)WAFSATGALEGQMFRKTGKLVSLSEQNLVDCSRPQGNQGCNGGFMARAFQY
VKENGGLDSEESYPYVAVDEICKYRPENSVAQDTGFTVVAPGKEKALMKAVATVGPISVAMDAGHSSFQFYKSGIYFEPD
CSSKNLDHGVLVVGYGFEGANSDNSKYWLVKNSWGPEWGSNGYVKIAKDKNNHCGIATAASYPNV
;
A,B
2 'polypeptide(L)'
;MIPGGLSEAKPATPEIQEIVDKVKPQLEEKTNETYGKLEAVQYKTQVVAGTNYYIKVRAGDNKYMHLKVFKSLPGQNEDL
VLTGYQVDKNKDDELTGF
;
C,D
#
# COMPACT_ATOMS: atom_id res chain seq x y z
N LEU A 1 13.46 -0.53 5.70
CA LEU A 1 12.88 -1.66 4.95
C LEU A 1 12.26 -2.64 5.92
N PRO A 2 11.15 -3.32 5.52
CA PRO A 2 10.60 -4.38 6.37
C PRO A 2 11.65 -5.42 6.75
N LYS A 3 11.49 -6.01 7.93
CA LYS A 3 12.33 -7.11 8.37
C LYS A 3 11.94 -8.43 7.70
N SER A 4 10.71 -8.48 7.19
CA SER A 4 10.18 -9.66 6.46
C SER A 4 9.36 -9.18 5.29
N VAL A 5 9.38 -9.93 4.19
CA VAL A 5 8.50 -9.65 3.05
C VAL A 5 8.10 -10.98 2.43
N ASP A 6 6.84 -11.06 2.00
CA ASP A 6 6.30 -12.26 1.34
C ASP A 6 5.21 -11.82 0.37
N TRP A 7 5.60 -11.61 -0.88
CA TRP A 7 4.65 -11.12 -1.85
C TRP A 7 3.49 -12.10 -2.13
N ARG A 8 3.61 -13.35 -1.73
CA ARG A 8 2.46 -14.26 -1.98
C ARG A 8 1.23 -13.78 -1.21
N LYS A 9 1.47 -13.22 -0.03
CA LYS A 9 0.37 -12.78 0.86
C LYS A 9 -0.33 -11.57 0.29
N LYS A 10 0.31 -10.87 -0.65
CA LYS A 10 -0.37 -9.74 -1.25
C LYS A 10 -0.95 -10.02 -2.65
N GLY A 11 -0.99 -11.29 -3.05
CA GLY A 11 -1.65 -11.72 -4.31
C GLY A 11 -0.80 -11.58 -5.59
N TYR A 12 0.51 -11.36 -5.40
CA TYR A 12 1.43 -11.16 -6.54
C TYR A 12 1.88 -12.45 -7.26
N VAL A 13 1.58 -13.63 -6.73
CA VAL A 13 2.34 -14.83 -7.16
C VAL A 13 1.40 -15.96 -7.60
N THR A 14 1.62 -16.52 -8.81
CA THR A 14 0.82 -17.66 -9.27
C THR A 14 1.27 -18.97 -8.56
N PRO A 15 0.47 -20.05 -8.68
CA PRO A 15 0.88 -21.34 -8.08
C PRO A 15 2.18 -21.78 -8.70
N VAL A 16 2.91 -22.65 -8.02
CA VAL A 16 4.15 -23.09 -8.57
C VAL A 16 3.91 -23.94 -9.82
N LYS A 17 4.76 -23.72 -10.81
CA LYS A 17 4.67 -24.42 -12.09
C LYS A 17 5.79 -25.43 -12.18
N ASN A 18 5.85 -26.11 -13.33
CA ASN A 18 6.84 -27.17 -13.54
C ASN A 18 7.45 -27.18 -14.95
N GLN A 19 8.73 -26.84 -15.04
CA GLN A 19 9.39 -26.74 -16.35
C GLN A 19 9.67 -28.12 -16.94
N LYS A 20 9.60 -29.17 -16.12
CA LYS A 20 9.88 -30.55 -16.61
C LYS A 20 11.29 -30.68 -17.22
N GLN A 21 11.46 -31.33 -18.37
CA GLN A 21 12.84 -31.71 -18.77
C GLN A 21 13.54 -30.71 -19.70
N CYS A 22 12.95 -29.52 -19.79
CA CYS A 22 13.35 -28.43 -20.68
C CYS A 22 14.16 -27.42 -19.87
N GLY A 23 15.26 -26.89 -20.41
CA GLY A 23 16.05 -25.89 -19.70
C GLY A 23 15.42 -24.50 -19.82
N SER A 24 14.17 -24.38 -19.40
CA SER A 24 13.40 -23.14 -19.58
C SER A 24 13.18 -22.39 -18.26
N TRP A 26 14.69 -19.93 -17.03
CA TRP A 26 14.77 -18.48 -17.33
C TRP A 26 13.38 -17.93 -17.70
N ALA A 27 12.56 -18.75 -18.39
CA ALA A 27 11.21 -18.32 -18.84
C ALA A 27 10.21 -18.28 -17.68
N PHE A 28 10.28 -19.31 -16.82
CA PHE A 28 9.51 -19.34 -15.55
C PHE A 28 9.88 -18.19 -14.60
N SER A 29 11.16 -17.92 -14.46
CA SER A 29 11.62 -16.78 -13.67
C SER A 29 11.07 -15.47 -14.25
N ALA A 30 11.20 -15.33 -15.56
CA ALA A 30 10.72 -14.11 -16.24
C ALA A 30 9.21 -13.93 -16.12
N THR A 31 8.42 -14.97 -16.41
CA THR A 31 6.95 -14.81 -16.30
C THR A 31 6.59 -14.57 -14.83
N GLY A 32 7.32 -15.20 -13.92
CA GLY A 32 7.06 -14.99 -12.47
C GLY A 32 7.20 -13.50 -12.10
N ALA A 33 8.26 -12.89 -12.58
CA ALA A 33 8.52 -11.48 -12.22
C ALA A 33 7.50 -10.60 -12.93
N LEU A 34 7.16 -10.97 -14.16
CA LEU A 34 6.20 -10.19 -14.95
C LEU A 34 4.78 -10.33 -14.42
N GLU A 35 4.42 -11.53 -13.93
CA GLU A 35 3.14 -11.73 -13.26
C GLU A 35 3.01 -10.78 -12.08
N GLY A 36 4.12 -10.65 -11.33
CA GLY A 36 4.15 -9.77 -10.16
C GLY A 36 3.98 -8.30 -10.51
N GLN A 37 4.73 -7.84 -11.49
CA GLN A 37 4.63 -6.45 -11.92
C GLN A 37 3.28 -6.13 -12.59
N MET A 38 2.77 -7.03 -13.43
CA MET A 38 1.41 -6.82 -13.96
C MET A 38 0.38 -6.76 -12.88
N PHE A 39 0.52 -7.60 -11.84
CA PHE A 39 -0.38 -7.55 -10.70
C PHE A 39 -0.28 -6.21 -9.92
N ARG A 40 0.94 -5.79 -9.66
CA ARG A 40 1.19 -4.49 -9.07
C ARG A 40 0.45 -3.39 -9.87
N LYS A 41 0.55 -3.41 -11.20
CA LYS A 41 -0.04 -2.38 -12.06
C LYS A 41 -1.59 -2.37 -12.09
N THR A 42 -2.17 -3.57 -12.20
CA THR A 42 -3.58 -3.75 -12.50
C THR A 42 -4.40 -4.37 -11.37
N GLY A 43 -3.74 -4.95 -10.39
CA GLY A 43 -4.47 -5.72 -9.35
C GLY A 43 -5.07 -7.03 -9.85
N LYS A 44 -4.66 -7.48 -11.03
CA LYS A 44 -5.16 -8.75 -11.55
C LYS A 44 -3.97 -9.69 -11.81
N LEU A 45 -4.05 -10.89 -11.24
CA LEU A 45 -2.99 -11.87 -11.35
C LEU A 45 -3.39 -12.78 -12.53
N VAL A 46 -2.56 -12.85 -13.57
CA VAL A 46 -2.83 -13.69 -14.77
C VAL A 46 -1.59 -14.52 -15.08
N SER A 47 -1.73 -15.84 -15.07
CA SER A 47 -0.59 -16.69 -15.41
C SER A 47 -0.16 -16.52 -16.86
N LEU A 48 1.15 -16.33 -17.07
CA LEU A 48 1.73 -15.95 -18.36
C LEU A 48 2.42 -17.14 -19.04
N SER A 49 2.59 -17.06 -20.35
CA SER A 49 3.05 -18.19 -21.16
C SER A 49 4.54 -18.31 -21.25
N GLU A 50 5.13 -19.26 -20.51
CA GLU A 50 6.54 -19.61 -20.72
C GLU A 50 6.76 -20.17 -22.12
N GLN A 51 5.79 -20.89 -22.67
CA GLN A 51 5.96 -21.45 -24.02
C GLN A 51 6.14 -20.36 -25.09
N ASN A 52 5.37 -19.28 -24.96
CA ASN A 52 5.57 -18.10 -25.80
C ASN A 52 7.03 -17.64 -25.75
N LEU A 53 7.62 -17.59 -24.55
CA LEU A 53 8.99 -17.14 -24.40
C LEU A 53 9.94 -18.14 -25.04
N VAL A 54 9.71 -19.42 -24.80
CA VAL A 54 10.59 -20.47 -25.31
C VAL A 54 10.58 -20.44 -26.86
N ASP A 55 9.39 -20.40 -27.44
CA ASP A 55 9.24 -20.48 -28.90
C ASP A 55 9.70 -19.22 -29.64
N CYS A 56 9.60 -18.07 -29.01
CA CYS A 56 9.66 -16.80 -29.77
C CYS A 56 10.85 -15.87 -29.45
N SER A 57 11.61 -16.16 -28.42
CA SER A 57 12.62 -15.19 -27.98
C SER A 57 14.06 -15.52 -28.40
N ARG A 58 14.23 -16.34 -29.42
CA ARG A 58 15.57 -16.53 -29.99
C ARG A 58 16.16 -15.23 -30.61
N PRO A 59 15.32 -14.39 -31.27
CA PRO A 59 15.96 -13.18 -31.81
C PRO A 59 16.66 -12.31 -30.73
N GLN A 60 16.11 -12.34 -29.51
CA GLN A 60 16.72 -11.63 -28.37
C GLN A 60 17.85 -12.39 -27.63
N GLY A 61 18.24 -13.55 -28.16
CA GLY A 61 19.43 -14.24 -27.65
C GLY A 61 19.16 -15.44 -26.72
N ASN A 62 17.90 -15.82 -26.53
CA ASN A 62 17.58 -17.03 -25.74
C ASN A 62 17.67 -18.28 -26.56
N GLN A 63 17.75 -19.44 -25.94
CA GLN A 63 17.84 -20.66 -26.71
C GLN A 63 16.78 -21.72 -26.32
N GLY A 64 15.56 -21.30 -26.05
CA GLY A 64 14.50 -22.27 -25.73
C GLY A 64 14.88 -23.23 -24.61
N CYS A 65 14.67 -24.53 -24.85
CA CYS A 65 14.99 -25.56 -23.85
C CYS A 65 16.52 -25.75 -23.58
N ASN A 66 17.37 -25.05 -24.35
CA ASN A 66 18.82 -25.08 -24.14
C ASN A 66 19.33 -23.89 -23.35
N GLY A 67 18.41 -23.11 -22.78
CA GLY A 67 18.85 -22.06 -21.86
C GLY A 67 18.56 -20.66 -22.33
N GLY A 68 18.73 -19.71 -21.41
CA GLY A 68 18.35 -18.33 -21.71
C GLY A 68 18.50 -17.45 -20.51
N PHE A 69 18.10 -16.20 -20.66
CA PHE A 69 18.21 -15.21 -19.61
C PHE A 69 16.92 -14.47 -19.43
N MET A 70 16.62 -14.18 -18.18
CA MET A 70 15.40 -13.42 -17.87
C MET A 70 15.42 -12.03 -18.50
N ALA A 71 16.56 -11.33 -18.48
CA ALA A 71 16.68 -10.01 -19.19
C ALA A 71 16.34 -10.10 -20.67
N ARG A 72 16.73 -11.21 -21.31
CA ARG A 72 16.46 -11.38 -22.74
C ARG A 72 14.97 -11.65 -22.99
N ALA A 73 14.33 -12.29 -22.03
CA ALA A 73 12.90 -12.50 -22.08
C ALA A 73 12.15 -11.17 -21.94
N PHE A 74 12.55 -10.33 -20.97
CA PHE A 74 11.90 -9.01 -20.82
C PHE A 74 12.09 -8.13 -22.05
N GLN A 75 13.25 -8.28 -22.69
CA GLN A 75 13.55 -7.56 -23.93
C GLN A 75 12.66 -8.03 -25.05
N TYR A 76 12.46 -9.36 -25.16
CA TYR A 76 11.54 -9.89 -26.18
C TYR A 76 10.14 -9.31 -25.95
N VAL A 77 9.67 -9.30 -24.71
CA VAL A 77 8.31 -8.76 -24.43
C VAL A 77 8.22 -7.28 -24.88
N LYS A 78 9.28 -6.52 -24.59
CA LYS A 78 9.37 -5.09 -25.02
C LYS A 78 9.32 -5.01 -26.54
N GLU A 79 10.23 -5.68 -27.23
CA GLU A 79 10.29 -5.56 -28.69
C GLU A 79 9.02 -6.12 -29.33
N ASN A 80 8.42 -7.13 -28.72
CA ASN A 80 7.29 -7.81 -29.28
C ASN A 80 6.00 -7.05 -29.06
N GLY A 81 5.99 -6.17 -28.05
CA GLY A 81 4.78 -5.43 -27.71
C GLY A 81 3.80 -6.24 -26.89
N GLY A 82 4.19 -7.44 -26.45
CA GLY A 82 3.29 -8.20 -25.58
C GLY A 82 3.75 -9.64 -25.30
N LEU A 83 2.94 -10.33 -24.52
CA LEU A 83 3.14 -11.74 -24.14
C LEU A 83 1.78 -12.35 -23.85
N ASP A 84 1.54 -13.55 -24.42
CA ASP A 84 0.24 -14.25 -24.23
C ASP A 84 0.11 -14.87 -22.86
N SER A 85 -1.12 -15.18 -22.46
CA SER A 85 -1.41 -15.88 -21.21
C SER A 85 -1.07 -17.36 -21.37
N GLU A 86 -0.76 -18.05 -20.27
CA GLU A 86 -0.65 -19.49 -20.29
C GLU A 86 -1.90 -20.16 -20.87
N GLU A 87 -3.07 -19.67 -20.49
CA GLU A 87 -4.31 -20.28 -20.93
C GLU A 87 -4.42 -20.25 -22.44
N SER A 88 -3.95 -19.18 -23.07
CA SER A 88 -4.05 -19.15 -24.51
C SER A 88 -2.89 -19.86 -25.23
N TYR A 89 -1.77 -20.07 -24.55
CA TYR A 89 -0.54 -20.55 -25.23
C TYR A 89 0.18 -21.45 -24.23
N PRO A 90 -0.28 -22.71 -24.13
CA PRO A 90 0.15 -23.62 -23.07
C PRO A 90 1.53 -24.24 -23.27
N TYR A 91 2.09 -24.69 -22.16
CA TYR A 91 3.48 -25.13 -22.08
C TYR A 91 3.56 -26.62 -22.36
N VAL A 92 4.51 -27.01 -23.19
CA VAL A 92 4.73 -28.40 -23.56
C VAL A 92 6.20 -28.80 -23.41
N ALA A 93 7.04 -27.90 -22.84
CA ALA A 93 8.44 -28.24 -22.49
C ALA A 93 9.32 -28.70 -23.66
N VAL A 94 9.00 -28.26 -24.90
CA VAL A 94 9.89 -28.51 -26.05
C VAL A 94 9.89 -27.25 -26.95
N ASP A 95 10.95 -27.04 -27.73
CA ASP A 95 10.98 -25.89 -28.63
C ASP A 95 9.96 -26.08 -29.78
N GLU A 96 9.04 -25.16 -29.98
CA GLU A 96 8.06 -25.29 -31.07
C GLU A 96 8.02 -24.00 -31.87
N ILE A 97 7.19 -23.99 -32.92
CA ILE A 97 6.93 -22.82 -33.74
C ILE A 97 6.25 -21.70 -32.95
N CYS A 98 6.82 -20.49 -33.05
CA CYS A 98 6.24 -19.32 -32.42
C CYS A 98 4.78 -19.09 -32.82
N LYS A 99 3.88 -19.09 -31.83
CA LYS A 99 2.42 -18.83 -32.06
C LYS A 99 1.93 -17.56 -31.37
N TYR A 100 2.81 -16.58 -31.14
CA TYR A 100 2.43 -15.35 -30.47
C TYR A 100 1.26 -14.75 -31.25
N ARG A 101 0.19 -14.38 -30.56
CA ARG A 101 -0.88 -13.63 -31.23
C ARG A 101 -1.15 -12.37 -30.39
N PRO A 102 -1.08 -11.18 -31.02
CA PRO A 102 -1.20 -9.94 -30.23
C PRO A 102 -2.56 -9.81 -29.56
N GLU A 103 -3.59 -10.40 -30.15
CA GLU A 103 -4.93 -10.29 -29.59
C GLU A 103 -5.09 -11.05 -28.26
N ASN A 104 -4.17 -11.95 -27.95
CA ASN A 104 -4.19 -12.69 -26.70
C ASN A 104 -3.14 -12.19 -25.71
N SER A 105 -2.49 -11.07 -26.04
CA SER A 105 -1.45 -10.55 -25.16
C SER A 105 -2.08 -10.03 -23.91
N VAL A 106 -1.53 -10.39 -22.75
CA VAL A 106 -2.06 -9.91 -21.51
C VAL A 106 -1.01 -9.22 -20.65
N ALA A 107 0.21 -9.03 -21.15
CA ALA A 107 1.25 -8.33 -20.36
C ALA A 107 2.10 -7.57 -21.32
N GLN A 108 2.70 -6.48 -20.83
CA GLN A 108 3.68 -5.71 -21.59
C GLN A 108 4.81 -5.30 -20.66
N ASP A 109 5.97 -4.99 -21.21
CA ASP A 109 6.98 -4.23 -20.49
C ASP A 109 7.74 -3.32 -21.43
N THR A 110 8.53 -2.41 -20.85
CA THR A 110 9.21 -1.38 -21.63
C THR A 110 10.70 -1.59 -21.54
N GLY A 111 11.08 -2.78 -21.06
CA GLY A 111 12.45 -3.09 -20.78
C GLY A 111 12.56 -3.64 -19.37
N PHE A 112 13.72 -3.45 -18.76
CA PHE A 112 13.95 -4.09 -17.49
C PHE A 112 14.99 -3.31 -16.72
N THR A 113 15.06 -3.60 -15.42
CA THR A 113 16.03 -2.96 -14.51
C THR A 113 16.94 -4.02 -13.92
N VAL A 114 18.24 -3.76 -13.97
CA VAL A 114 19.17 -4.68 -13.34
C VAL A 114 19.49 -4.22 -11.93
N VAL A 115 19.47 -5.15 -10.99
CA VAL A 115 19.86 -4.90 -9.60
C VAL A 115 21.37 -4.90 -9.51
N ALA A 116 21.95 -3.96 -8.75
CA ALA A 116 23.44 -3.87 -8.66
C ALA A 116 24.09 -5.23 -8.46
N PRO A 117 24.94 -5.67 -9.41
CA PRO A 117 25.45 -7.03 -9.31
C PRO A 117 26.23 -7.35 -8.03
N GLY A 118 25.92 -8.50 -7.43
CA GLY A 118 26.57 -8.95 -6.23
C GLY A 118 26.04 -8.37 -4.92
N LYS A 119 25.15 -7.38 -5.00
CA LYS A 119 24.75 -6.60 -3.80
C LYS A 119 23.43 -7.06 -3.17
N GLU A 120 23.53 -7.86 -2.13
CA GLU A 120 22.34 -8.33 -1.42
C GLU A 120 21.50 -7.23 -0.79
N LYS A 121 22.09 -6.07 -0.49
CA LYS A 121 21.31 -4.97 0.08
C LYS A 121 20.46 -4.35 -1.01
N ALA A 122 21.02 -4.21 -2.21
CA ALA A 122 20.26 -3.72 -3.37
C ALA A 122 19.12 -4.69 -3.69
N LEU A 123 19.41 -5.99 -3.60
CA LEU A 123 18.43 -7.02 -3.90
C LEU A 123 17.32 -6.89 -2.86
N MET A 124 17.67 -6.66 -1.60
CA MET A 124 16.64 -6.57 -0.57
C MET A 124 15.73 -5.38 -0.81
N LYS A 125 16.36 -4.23 -1.12
CA LYS A 125 15.60 -3.05 -1.42
C LYS A 125 14.65 -3.30 -2.59
N ALA A 126 15.18 -3.90 -3.66
CA ALA A 126 14.33 -4.24 -4.83
C ALA A 126 13.15 -5.11 -4.39
N VAL A 127 13.39 -6.19 -3.62
CA VAL A 127 12.30 -7.09 -3.21
C VAL A 127 11.22 -6.33 -2.41
N ALA A 128 11.67 -5.49 -1.48
CA ALA A 128 10.78 -4.79 -0.57
C ALA A 128 9.96 -3.73 -1.28
N THR A 129 10.51 -3.07 -2.30
CA THR A 129 9.85 -1.94 -2.89
C THR A 129 9.25 -2.25 -4.27
N VAL A 130 9.69 -3.30 -4.95
CA VAL A 130 9.22 -3.52 -6.33
C VAL A 130 8.23 -4.70 -6.36
N GLY A 131 8.61 -5.81 -5.75
CA GLY A 131 7.86 -7.05 -5.94
C GLY A 131 8.80 -8.22 -6.16
N PRO A 132 8.26 -9.38 -6.53
CA PRO A 132 9.12 -10.51 -6.90
C PRO A 132 10.18 -10.14 -7.92
N ILE A 133 11.40 -10.63 -7.69
CA ILE A 133 12.55 -10.31 -8.49
C ILE A 133 13.15 -11.56 -9.14
N SER A 134 13.44 -11.49 -10.45
CA SER A 134 14.12 -12.60 -11.15
C SER A 134 15.57 -12.64 -10.73
N VAL A 135 16.06 -13.83 -10.36
CA VAL A 135 17.48 -14.06 -10.06
C VAL A 135 18.01 -15.35 -10.68
N ALA A 136 19.32 -15.39 -10.95
CA ALA A 136 19.98 -16.61 -11.35
C ALA A 136 20.75 -17.14 -10.14
N MET A 137 20.91 -18.46 -10.09
CA MET A 137 21.70 -19.04 -9.01
C MET A 137 22.44 -20.29 -9.43
N ASP A 138 23.30 -20.76 -8.53
CA ASP A 138 23.94 -22.08 -8.62
C ASP A 138 23.06 -23.13 -7.97
N ALA A 139 22.36 -23.93 -8.76
CA ALA A 139 21.38 -24.86 -8.24
C ALA A 139 21.77 -26.25 -8.60
N GLY A 140 22.98 -26.43 -9.08
CA GLY A 140 23.38 -27.72 -9.62
C GLY A 140 23.85 -28.73 -8.56
N HIS A 141 23.85 -28.37 -7.28
CA HIS A 141 24.38 -29.29 -6.26
C HIS A 141 23.35 -30.34 -5.84
N SER A 142 23.82 -31.52 -5.45
CA SER A 142 22.95 -32.58 -4.89
C SER A 142 22.13 -32.08 -3.71
N SER A 143 22.75 -31.31 -2.83
CA SER A 143 22.04 -30.77 -1.69
C SER A 143 20.80 -29.97 -2.13
N PHE A 144 20.89 -29.28 -3.27
CA PHE A 144 19.71 -28.50 -3.69
C PHE A 144 18.58 -29.45 -4.18
N GLN A 145 18.94 -30.47 -4.92
CA GLN A 145 17.95 -31.43 -5.41
C GLN A 145 17.16 -32.07 -4.24
N PHE A 146 17.90 -32.33 -3.16
CA PHE A 146 17.36 -33.03 -1.98
C PHE A 146 16.73 -32.07 -0.97
N TYR A 147 16.68 -30.78 -1.30
CA TYR A 147 16.18 -29.80 -0.36
C TYR A 147 14.70 -30.06 0.05
N LYS A 148 14.39 -29.91 1.34
CA LYS A 148 13.03 -30.13 1.80
C LYS A 148 12.52 -29.01 2.66
N SER A 149 13.36 -28.48 3.55
CA SER A 149 12.94 -27.40 4.42
C SER A 149 14.14 -26.73 5.09
N GLY A 150 13.88 -25.63 5.80
CA GLY A 150 14.91 -24.86 6.48
C GLY A 150 15.61 -23.86 5.54
N ILE A 151 16.76 -23.35 5.98
CA ILE A 151 17.58 -22.43 5.20
C ILE A 151 18.64 -23.22 4.47
N TYR A 152 18.65 -23.16 3.14
CA TYR A 152 19.60 -23.88 2.33
C TYR A 152 20.93 -23.16 2.40
N PHE A 153 21.99 -23.89 2.74
CA PHE A 153 23.35 -23.34 2.74
C PHE A 153 24.28 -24.44 2.28
N GLU A 154 24.95 -24.21 1.15
CA GLU A 154 25.79 -25.19 0.51
C GLU A 154 27.20 -24.58 0.42
N PRO A 155 28.14 -25.12 1.23
CA PRO A 155 29.49 -24.53 1.25
C PRO A 155 30.20 -24.56 -0.11
N ASP A 156 29.80 -25.46 -0.99
CA ASP A 156 30.37 -25.53 -2.34
C ASP A 156 29.75 -24.58 -3.36
N CYS A 157 28.76 -23.78 -2.97
CA CYS A 157 28.00 -23.03 -3.94
C CYS A 157 28.88 -21.96 -4.55
N SER A 158 28.64 -21.68 -5.83
CA SER A 158 29.29 -20.59 -6.51
C SER A 158 28.41 -19.33 -6.54
N SER A 159 29.03 -18.17 -6.39
CA SER A 159 28.40 -16.86 -6.60
C SER A 159 28.51 -16.43 -8.06
N LYS A 160 29.30 -17.18 -8.81
CA LYS A 160 29.65 -16.82 -10.16
C LYS A 160 29.09 -17.66 -11.28
N ASN A 161 29.07 -18.97 -11.10
CA ASN A 161 28.60 -19.89 -12.13
C ASN A 161 27.15 -20.32 -11.89
N LEU A 162 26.22 -19.71 -12.65
CA LEU A 162 24.81 -19.77 -12.32
C LEU A 162 24.04 -20.54 -13.41
N ASP A 163 23.42 -21.64 -13.02
CA ASP A 163 22.89 -22.57 -13.98
C ASP A 163 21.34 -22.66 -13.93
N HIS A 164 20.70 -21.78 -13.18
CA HIS A 164 19.27 -21.87 -12.92
C HIS A 164 18.72 -20.45 -12.71
N GLY A 165 17.46 -20.21 -13.10
CA GLY A 165 16.83 -18.91 -12.89
C GLY A 165 15.58 -19.17 -12.11
N VAL A 166 15.40 -18.41 -11.03
CA VAL A 166 14.26 -18.55 -10.08
C VAL A 166 13.73 -17.20 -9.71
N LEU A 167 12.79 -17.18 -8.78
CA LEU A 167 12.07 -15.98 -8.44
C LEU A 167 12.15 -15.74 -6.94
N VAL A 168 12.69 -14.58 -6.54
CA VAL A 168 12.66 -14.19 -5.11
C VAL A 168 11.34 -13.50 -4.79
N VAL A 169 10.49 -14.15 -3.99
CA VAL A 169 9.18 -13.60 -3.67
C VAL A 169 9.13 -12.96 -2.28
N GLY A 170 10.26 -12.95 -1.59
CA GLY A 170 10.35 -12.23 -0.32
C GLY A 170 11.63 -12.60 0.40
N TYR A 171 11.66 -12.31 1.70
CA TYR A 171 12.82 -12.59 2.54
C TYR A 171 12.34 -12.47 3.99
N GLY A 172 13.12 -13.04 4.90
CA GLY A 172 12.86 -12.82 6.33
C GLY A 172 13.93 -13.51 7.15
N PHE A 173 13.50 -14.11 8.26
CA PHE A 173 14.41 -14.78 9.18
C PHE A 173 13.70 -15.90 9.96
N GLU A 174 14.44 -16.96 10.27
CA GLU A 174 13.94 -17.96 11.23
C GLU A 174 14.30 -17.51 12.66
N GLY A 175 13.40 -17.76 13.61
CA GLY A 175 13.63 -17.45 15.03
C GLY A 175 13.22 -16.06 15.46
N ALA A 176 13.66 -15.65 16.65
CA ALA A 176 13.21 -14.39 17.26
C ALA A 176 14.04 -13.20 16.80
N ASN A 177 15.24 -13.47 16.31
CA ASN A 177 16.16 -12.38 16.00
C ASN A 177 16.23 -12.05 14.50
N SER A 178 15.73 -10.87 14.13
CA SER A 178 15.60 -10.47 12.72
C SER A 178 16.90 -10.39 11.88
N ASP A 179 18.05 -10.36 12.55
CA ASP A 179 19.32 -10.49 11.83
C ASP A 179 20.02 -11.84 11.99
N ASN A 180 19.40 -12.83 12.65
CA ASN A 180 19.91 -14.21 12.57
C ASN A 180 19.13 -15.08 11.60
N SER A 181 19.81 -16.08 11.03
CA SER A 181 19.15 -17.08 10.19
C SER A 181 18.27 -16.39 9.13
N LYS A 182 18.85 -15.44 8.40
CA LYS A 182 18.10 -14.66 7.40
C LYS A 182 18.02 -15.50 6.14
N TYR A 183 16.96 -15.31 5.35
CA TYR A 183 16.80 -16.08 4.11
C TYR A 183 16.06 -15.29 3.02
N TRP A 184 16.32 -15.68 1.78
CA TRP A 184 15.57 -15.29 0.61
C TRP A 184 14.52 -16.36 0.41
N LEU A 185 13.29 -15.93 0.17
CA LEU A 185 12.17 -16.85 -0.08
C LEU A 185 12.04 -16.98 -1.58
N VAL A 186 12.25 -18.19 -2.09
CA VAL A 186 12.48 -18.39 -3.53
C VAL A 186 11.46 -19.35 -4.09
N LYS A 187 10.76 -18.92 -5.14
CA LYS A 187 9.84 -19.81 -5.88
C LYS A 187 10.62 -20.56 -6.95
N ASN A 188 10.61 -21.90 -6.89
CA ASN A 188 11.24 -22.71 -7.93
C ASN A 188 10.20 -23.05 -9.00
N SER A 189 10.63 -23.75 -10.05
CA SER A 189 9.75 -24.12 -11.15
C SER A 189 9.84 -25.63 -11.41
N TRP A 190 9.98 -26.40 -10.33
CA TRP A 190 10.06 -27.85 -10.38
C TRP A 190 8.82 -28.52 -9.79
N GLY A 191 7.70 -27.81 -9.80
CA GLY A 191 6.45 -28.38 -9.30
C GLY A 191 6.32 -28.24 -7.78
N PRO A 192 5.07 -28.33 -7.26
CA PRO A 192 4.90 -28.15 -5.82
C PRO A 192 5.37 -29.34 -5.00
N GLU A 193 5.74 -30.44 -5.64
CA GLU A 193 6.22 -31.64 -4.97
C GLU A 193 7.67 -31.46 -4.54
N TRP A 194 8.40 -30.54 -5.18
CA TRP A 194 9.81 -30.37 -4.80
C TRP A 194 9.96 -29.40 -3.63
N GLY A 195 10.96 -29.61 -2.78
CA GLY A 195 11.27 -28.65 -1.74
C GLY A 195 10.13 -28.44 -0.77
N SER A 196 9.87 -27.22 -0.36
CA SER A 196 8.80 -26.95 0.56
C SER A 196 7.61 -26.43 -0.24
N ASN A 197 6.79 -27.33 -0.74
CA ASN A 197 5.64 -26.99 -1.57
C ASN A 197 6.11 -26.22 -2.79
N GLY A 198 7.28 -26.55 -3.30
CA GLY A 198 7.81 -25.88 -4.46
C GLY A 198 8.70 -24.69 -4.17
N TYR A 199 8.82 -24.33 -2.91
CA TYR A 199 9.63 -23.22 -2.46
C TYR A 199 10.88 -23.63 -1.70
N VAL A 200 11.82 -22.71 -1.58
CA VAL A 200 13.06 -22.98 -0.88
C VAL A 200 13.56 -21.69 -0.25
N LYS A 201 14.07 -21.80 0.97
CA LYS A 201 14.64 -20.67 1.63
C LYS A 201 16.14 -20.74 1.44
N ILE A 202 16.73 -19.68 0.92
CA ILE A 202 18.16 -19.65 0.69
C ILE A 202 18.85 -18.69 1.64
N ALA A 203 19.99 -19.09 2.18
CA ALA A 203 20.72 -18.26 3.11
C ALA A 203 20.90 -16.83 2.61
N LYS A 204 20.55 -15.86 3.44
CA LYS A 204 20.63 -14.45 3.08
C LYS A 204 21.71 -13.71 3.83
N ASP A 205 22.41 -12.81 3.14
CA ASP A 205 23.46 -11.98 3.72
C ASP A 205 24.61 -12.84 4.20
N LYS A 206 24.85 -13.93 3.47
CA LYS A 206 25.99 -14.82 3.70
C LYS A 206 26.90 -14.77 2.51
N ASN A 207 27.38 -13.58 2.19
CA ASN A 207 28.34 -13.41 1.10
C ASN A 207 27.70 -13.85 -0.27
N ASN A 208 26.46 -13.45 -0.52
CA ASN A 208 25.83 -13.66 -1.86
C ASN A 208 25.81 -15.14 -2.15
N HIS A 209 25.12 -15.90 -1.31
CA HIS A 209 25.21 -17.33 -1.38
C HIS A 209 24.52 -17.89 -2.66
N CYS A 210 25.24 -18.78 -3.35
CA CYS A 210 24.82 -19.37 -4.62
C CYS A 210 24.54 -18.32 -5.70
N GLY A 211 25.04 -17.10 -5.49
CA GLY A 211 24.99 -16.07 -6.54
C GLY A 211 23.61 -15.44 -6.69
N ILE A 212 22.80 -15.57 -5.66
CA ILE A 212 21.46 -15.04 -5.68
C ILE A 212 21.40 -13.55 -6.10
N ALA A 213 22.37 -12.71 -5.73
CA ALA A 213 22.30 -11.29 -6.13
C ALA A 213 23.29 -10.97 -7.23
N THR A 214 23.86 -12.00 -7.87
CA THR A 214 24.81 -11.77 -8.92
C THR A 214 24.14 -11.13 -10.16
N ALA A 215 22.98 -11.65 -10.56
CA ALA A 215 22.39 -11.26 -11.83
C ALA A 215 20.88 -11.26 -11.68
N ALA A 216 20.38 -10.32 -10.91
CA ALA A 216 18.97 -10.19 -10.66
C ALA A 216 18.43 -9.03 -11.46
N SER A 217 17.13 -9.11 -11.85
CA SER A 217 16.52 -8.04 -12.63
C SER A 217 15.00 -8.15 -12.50
N TYR A 218 14.30 -7.15 -13.04
CA TYR A 218 12.86 -7.18 -13.05
C TYR A 218 12.33 -6.33 -14.21
N PRO A 219 11.16 -6.71 -14.74
CA PRO A 219 10.69 -5.99 -15.90
C PRO A 219 10.10 -4.64 -15.49
N ASN A 220 10.19 -3.66 -16.37
CA ASN A 220 9.66 -2.34 -16.16
C ASN A 220 8.26 -2.29 -16.76
N VAL A 221 7.25 -2.13 -15.93
CA VAL A 221 5.91 -2.08 -16.44
C VAL A 221 5.27 -0.77 -16.00
N LEU B 1 -18.07 41.80 38.75
CA LEU B 1 -18.78 40.82 37.88
C LEU B 1 -19.07 39.57 38.69
N PRO B 2 -20.09 38.78 38.32
CA PRO B 2 -20.37 37.58 39.10
C PRO B 2 -19.18 36.63 39.10
N LYS B 3 -19.06 35.82 40.14
CA LYS B 3 -17.96 34.87 40.22
C LYS B 3 -18.20 33.65 39.36
N SER B 4 -19.47 33.42 39.05
CA SER B 4 -19.93 32.31 38.18
C SER B 4 -21.07 32.79 37.32
N VAL B 5 -21.06 32.35 36.05
CA VAL B 5 -22.08 32.64 35.05
C VAL B 5 -22.43 31.33 34.27
N ASP B 6 -23.67 31.23 33.86
CA ASP B 6 -24.16 30.09 33.10
C ASP B 6 -25.47 30.48 32.42
N TRP B 7 -25.37 30.92 31.18
CA TRP B 7 -26.52 31.34 30.39
C TRP B 7 -27.56 30.30 30.05
N ARG B 8 -27.27 29.03 30.23
CA ARG B 8 -28.24 28.01 29.95
C ARG B 8 -29.38 28.15 30.91
N LYS B 9 -29.06 28.47 32.16
CA LYS B 9 -30.04 28.63 33.21
C LYS B 9 -31.02 29.74 32.96
N LYS B 10 -30.67 30.64 32.05
CA LYS B 10 -31.50 31.76 31.68
C LYS B 10 -32.21 31.55 30.34
N GLY B 11 -32.13 30.36 29.77
CA GLY B 11 -32.80 30.04 28.53
C GLY B 11 -32.22 30.54 27.23
N TYR B 12 -30.97 30.97 27.24
CA TYR B 12 -30.27 31.52 26.09
C TYR B 12 -29.66 30.48 25.13
N VAL B 13 -29.67 29.23 25.53
CA VAL B 13 -28.99 28.17 24.81
C VAL B 13 -29.81 26.98 24.36
N THR B 14 -29.71 26.66 23.08
CA THR B 14 -30.39 25.50 22.52
C THR B 14 -29.66 24.19 22.90
N PRO B 15 -30.33 23.04 22.79
CA PRO B 15 -29.64 21.78 23.10
C PRO B 15 -28.36 21.60 22.25
N VAL B 16 -27.40 20.81 22.72
CA VAL B 16 -26.19 20.63 21.88
C VAL B 16 -26.45 19.96 20.54
N LYS B 17 -25.81 20.47 19.51
CA LYS B 17 -25.96 19.98 18.15
C LYS B 17 -24.73 19.16 17.76
N ASN B 18 -24.74 18.68 16.53
CA ASN B 18 -23.68 17.82 16.08
C ASN B 18 -23.39 18.15 14.62
N GLN B 19 -22.23 18.76 14.41
CA GLN B 19 -21.71 19.11 13.10
C GLN B 19 -21.33 17.88 12.30
N LYS B 20 -21.19 16.73 12.97
CA LYS B 20 -20.81 15.51 12.25
C LYS B 20 -19.49 15.63 11.50
N GLN B 21 -19.41 15.15 10.25
CA GLN B 21 -18.13 14.99 9.57
C GLN B 21 -17.73 16.19 8.72
N CYS B 22 -18.40 17.32 8.91
CA CYS B 22 -18.18 18.55 8.13
C CYS B 22 -17.41 19.56 8.98
N GLY B 23 -16.50 20.32 8.36
CA GLY B 23 -15.74 21.37 9.10
C GLY B 23 -16.53 22.65 9.32
N SER B 24 -17.71 22.52 9.92
CA SER B 24 -18.65 23.65 10.04
C SER B 24 -18.80 24.17 11.47
N TRP B 26 -17.49 26.62 12.98
CA TRP B 26 -17.66 28.05 12.88
C TRP B 26 -19.13 28.45 12.71
N ALA B 27 -19.89 27.66 11.95
CA ALA B 27 -21.32 27.96 11.76
C ALA B 27 -22.10 27.66 13.00
N PHE B 28 -21.76 26.56 13.69
CA PHE B 28 -22.42 26.19 14.96
C PHE B 28 -22.11 27.22 16.05
N SER B 29 -20.87 27.66 16.08
CA SER B 29 -20.48 28.72 16.98
C SER B 29 -21.28 29.98 16.73
N ALA B 30 -21.35 30.38 15.47
CA ALA B 30 -22.11 31.56 15.08
C ALA B 30 -23.60 31.42 15.39
N THR B 31 -24.23 30.32 14.98
CA THR B 31 -25.66 30.18 15.30
C THR B 31 -25.88 30.18 16.80
N GLY B 32 -24.97 29.55 17.55
CA GLY B 32 -25.06 29.58 18.99
C GLY B 32 -25.06 31.01 19.55
N ALA B 33 -24.17 31.85 19.04
CA ALA B 33 -24.08 33.22 19.59
C ALA B 33 -25.34 34.01 19.21
N LEU B 34 -25.78 33.82 17.97
CA LEU B 34 -26.93 34.51 17.42
C LEU B 34 -28.21 34.06 18.10
N GLU B 35 -28.29 32.77 18.45
CA GLU B 35 -29.40 32.24 19.20
C GLU B 35 -29.55 32.99 20.51
N GLY B 36 -28.41 33.20 21.19
CA GLY B 36 -28.42 33.82 22.52
C GLY B 36 -28.82 35.29 22.45
N GLN B 37 -28.29 35.98 21.45
CA GLN B 37 -28.67 37.40 21.24
C GLN B 37 -30.09 37.62 20.72
N MET B 38 -30.60 36.68 19.92
CA MET B 38 -31.99 36.75 19.52
C MET B 38 -32.90 36.54 20.71
N PHE B 39 -32.58 35.57 21.56
CA PHE B 39 -33.34 35.31 22.75
C PHE B 39 -33.32 36.53 23.70
N ARG B 40 -32.17 37.18 23.79
CA ARG B 40 -32.07 38.37 24.61
C ARG B 40 -33.01 39.43 24.07
N LYS B 41 -33.03 39.60 22.75
CA LYS B 41 -33.78 40.64 22.07
C LYS B 41 -35.29 40.38 21.98
N THR B 42 -35.69 39.12 21.88
CA THR B 42 -37.09 38.81 21.66
C THR B 42 -37.73 37.95 22.72
N GLY B 43 -36.93 37.32 23.57
CA GLY B 43 -37.48 36.34 24.51
C GLY B 43 -37.87 34.99 23.92
N LYS B 44 -37.58 34.76 22.64
CA LYS B 44 -37.85 33.49 22.02
C LYS B 44 -36.58 32.80 21.59
N LEU B 45 -36.39 31.56 22.03
CA LEU B 45 -35.24 30.75 21.65
C LEU B 45 -35.55 29.93 20.40
N VAL B 46 -34.91 30.25 19.27
CA VAL B 46 -35.19 29.53 18.01
C VAL B 46 -33.88 28.94 17.42
N SER B 47 -33.86 27.63 17.24
CA SER B 47 -32.76 26.97 16.53
C SER B 47 -32.52 27.48 15.12
N LEU B 48 -31.29 27.94 14.86
CA LEU B 48 -30.96 28.55 13.58
C LEU B 48 -30.23 27.56 12.65
N SER B 49 -30.14 27.91 11.36
CA SER B 49 -29.68 26.96 10.34
C SER B 49 -28.19 27.08 10.04
N GLU B 50 -27.39 26.15 10.56
CA GLU B 50 -25.95 26.11 10.15
C GLU B 50 -25.81 25.85 8.69
N GLN B 51 -26.73 25.03 8.14
CA GLN B 51 -26.67 24.67 6.73
C GLN B 51 -26.81 25.93 5.87
N ASN B 52 -27.66 26.85 6.30
CA ASN B 52 -27.79 28.12 5.57
C ASN B 52 -26.42 28.82 5.57
N LEU B 53 -25.70 28.85 6.69
CA LEU B 53 -24.38 29.50 6.66
C LEU B 53 -23.40 28.74 5.77
N VAL B 54 -23.43 27.41 5.86
CA VAL B 54 -22.47 26.57 5.13
C VAL B 54 -22.61 26.80 3.62
N ASP B 55 -23.86 26.73 3.17
CA ASP B 55 -24.19 26.79 1.73
C ASP B 55 -23.99 28.18 1.16
N CYS B 56 -24.23 29.21 1.98
CA CYS B 56 -24.43 30.54 1.38
C CYS B 56 -23.37 31.60 1.68
N SER B 57 -22.47 31.36 2.66
CA SER B 57 -21.54 32.44 3.07
C SER B 57 -20.15 32.45 2.42
N ARG B 58 -20.00 31.82 1.26
CA ARG B 58 -18.73 31.89 0.59
C ARG B 58 -18.39 33.32 0.10
N PRO B 59 -19.40 34.10 -0.31
CA PRO B 59 -18.99 35.41 -0.76
C PRO B 59 -18.37 36.23 0.38
N GLN B 60 -18.69 35.93 1.63
CA GLN B 60 -18.07 36.63 2.77
C GLN B 60 -16.71 36.05 3.20
N GLY B 61 -16.26 35.03 2.49
CA GLY B 61 -14.93 34.41 2.66
C GLY B 61 -14.94 33.07 3.45
N ASN B 62 -16.12 32.56 3.78
CA ASN B 62 -16.22 31.21 4.34
C ASN B 62 -16.05 30.10 3.30
N GLN B 63 -15.76 28.90 3.80
CA GLN B 63 -15.43 27.82 2.88
C GLN B 63 -16.25 26.59 3.25
N GLY B 64 -17.44 26.81 3.81
CA GLY B 64 -18.38 25.72 4.04
C GLY B 64 -17.84 24.62 4.93
N CYS B 65 -17.93 23.36 4.46
CA CYS B 65 -17.37 22.22 5.25
C CYS B 65 -15.83 22.24 5.29
N ASN B 66 -15.23 23.15 4.52
CA ASN B 66 -13.75 23.30 4.61
C ASN B 66 -13.26 24.40 5.55
N GLY B 67 -14.14 24.95 6.36
CA GLY B 67 -13.73 25.87 7.41
C GLY B 67 -14.29 27.25 7.13
N GLY B 68 -14.12 28.14 8.11
CA GLY B 68 -14.70 29.49 8.05
C GLY B 68 -14.54 30.19 9.39
N PHE B 69 -15.18 31.35 9.53
CA PHE B 69 -15.01 32.17 10.73
C PHE B 69 -16.38 32.64 11.20
N MET B 70 -16.55 32.71 12.52
CA MET B 70 -17.82 33.20 13.07
C MET B 70 -18.07 34.64 12.67
N ALA B 71 -17.03 35.49 12.73
CA ALA B 71 -17.14 36.86 12.19
C ALA B 71 -17.77 36.96 10.78
N ARG B 72 -17.23 36.15 9.86
CA ARG B 72 -17.72 36.11 8.49
C ARG B 72 -19.18 35.65 8.39
N ALA B 73 -19.62 34.78 9.31
CA ALA B 73 -21.00 34.33 9.34
C ALA B 73 -21.90 35.50 9.78
N PHE B 74 -21.48 36.27 10.79
CA PHE B 74 -22.28 37.46 11.21
C PHE B 74 -22.35 38.49 10.09
N GLN B 75 -21.26 38.60 9.33
CA GLN B 75 -21.19 39.50 8.18
C GLN B 75 -22.19 39.04 7.13
N TYR B 76 -22.28 37.72 6.93
CA TYR B 76 -23.22 37.17 5.98
C TYR B 76 -24.65 37.49 6.37
N VAL B 77 -25.02 37.20 7.62
CA VAL B 77 -26.34 37.51 8.14
C VAL B 77 -26.70 39.00 7.94
N LYS B 78 -25.74 39.89 8.21
CA LYS B 78 -25.90 41.33 7.95
C LYS B 78 -26.09 41.62 6.46
N GLU B 79 -25.14 41.23 5.61
CA GLU B 79 -25.27 41.54 4.18
C GLU B 79 -26.51 40.90 3.54
N ASN B 80 -26.94 39.75 4.06
CA ASN B 80 -27.97 38.92 3.46
C ASN B 80 -29.32 39.43 3.88
N GLY B 81 -29.35 40.15 4.99
CA GLY B 81 -30.59 40.62 5.58
C GLY B 81 -31.31 39.62 6.44
N GLY B 82 -30.72 38.44 6.71
CA GLY B 82 -31.37 37.51 7.64
C GLY B 82 -30.81 36.10 7.60
N LEU B 83 -31.34 35.21 8.42
CA LEU B 83 -30.89 33.81 8.48
C LEU B 83 -32.11 32.94 8.73
N ASP B 84 -32.22 31.83 8.00
CA ASP B 84 -33.34 30.85 8.17
C ASP B 84 -33.23 29.99 9.41
N SER B 85 -34.35 29.43 9.85
CA SER B 85 -34.38 28.56 11.01
C SER B 85 -33.87 27.14 10.66
N GLU B 86 -33.43 26.37 11.66
CA GLU B 86 -33.09 24.95 11.46
C GLU B 86 -34.31 24.24 10.80
N GLU B 87 -35.51 24.46 11.33
CA GLU B 87 -36.74 23.81 10.78
C GLU B 87 -36.91 24.03 9.28
N SER B 88 -36.65 25.25 8.80
CA SER B 88 -36.87 25.55 7.38
C SER B 88 -35.71 25.11 6.47
N TYR B 89 -34.51 24.98 7.05
CA TYR B 89 -33.32 24.78 6.23
C TYR B 89 -32.40 23.82 7.00
N PRO B 90 -32.69 22.51 6.89
CA PRO B 90 -32.11 21.51 7.80
C PRO B 90 -30.64 21.19 7.43
N TYR B 91 -29.89 20.73 8.41
CA TYR B 91 -28.45 20.48 8.26
C TYR B 91 -28.19 19.09 7.69
N VAL B 92 -27.31 19.02 6.70
CA VAL B 92 -26.91 17.72 6.12
C VAL B 92 -25.40 17.53 6.09
N ALA B 93 -24.62 18.46 6.68
CA ALA B 93 -23.15 18.29 6.80
C ALA B 93 -22.39 18.10 5.48
N VAL B 94 -22.90 18.69 4.38
CA VAL B 94 -22.17 18.70 3.10
C VAL B 94 -22.42 20.07 2.47
N ASP B 95 -21.51 20.55 1.64
CA ASP B 95 -21.74 21.86 0.97
C ASP B 95 -22.81 21.67 -0.12
N GLU B 96 -23.89 22.46 -0.08
CA GLU B 96 -24.95 22.30 -1.08
C GLU B 96 -25.30 23.63 -1.73
N ILE B 97 -26.24 23.62 -2.67
CA ILE B 97 -26.72 24.84 -3.27
C ILE B 97 -27.42 25.72 -2.20
N CYS B 98 -27.09 27.01 -2.21
CA CYS B 98 -27.75 27.98 -1.34
C CYS B 98 -29.23 28.02 -1.65
N LYS B 99 -30.04 27.81 -0.61
CA LYS B 99 -31.50 27.75 -0.63
C LYS B 99 -32.10 28.80 0.31
N TYR B 100 -31.38 29.87 0.61
CA TYR B 100 -31.93 30.89 1.52
C TYR B 100 -33.27 31.45 1.01
N ARG B 101 -34.24 31.52 1.91
CA ARG B 101 -35.52 32.19 1.62
C ARG B 101 -35.83 33.27 2.63
N PRO B 102 -35.98 34.52 2.14
CA PRO B 102 -36.23 35.65 3.04
C PRO B 102 -37.48 35.47 3.91
N GLU B 103 -38.52 34.82 3.37
CA GLU B 103 -39.79 34.54 4.10
C GLU B 103 -39.59 33.62 5.25
N ASN B 104 -38.49 32.85 5.24
CA ASN B 104 -38.17 31.97 6.35
C ASN B 104 -37.19 32.54 7.42
N SER B 105 -36.75 33.78 7.23
CA SER B 105 -35.71 34.34 8.13
C SER B 105 -36.25 34.56 9.55
N VAL B 106 -35.50 34.17 10.56
CA VAL B 106 -35.95 34.32 11.95
C VAL B 106 -34.90 35.04 12.82
N ALA B 107 -33.84 35.53 12.19
CA ALA B 107 -32.77 36.22 12.91
C ALA B 107 -32.16 37.24 12.02
N GLN B 108 -31.63 38.31 12.61
CA GLN B 108 -30.89 39.32 11.84
C GLN B 108 -29.79 39.84 12.75
N ASP B 109 -28.79 40.48 12.17
CA ASP B 109 -27.80 41.23 12.92
C ASP B 109 -27.24 42.29 12.03
N THR B 110 -26.61 43.28 12.65
CA THR B 110 -26.17 44.48 11.93
C THR B 110 -24.65 44.44 11.81
N GLY B 111 -24.07 43.27 12.11
CA GLY B 111 -22.61 43.15 12.22
C GLY B 111 -22.29 42.46 13.54
N PHE B 112 -21.09 42.72 14.06
CA PHE B 112 -20.67 41.99 15.23
C PHE B 112 -19.69 42.82 16.03
N THR B 113 -19.51 42.47 17.30
CA THR B 113 -18.47 43.06 18.16
C THR B 113 -17.35 42.03 18.42
N VAL B 114 -16.09 42.50 18.34
CA VAL B 114 -14.93 41.65 18.59
C VAL B 114 -14.45 41.89 20.02
N VAL B 115 -14.09 40.82 20.73
CA VAL B 115 -13.51 40.94 22.07
C VAL B 115 -12.00 41.22 21.89
N ALA B 116 -11.44 42.12 22.71
CA ALA B 116 -10.00 42.45 22.62
C ALA B 116 -9.14 41.17 22.54
N PRO B 117 -8.38 41.01 21.45
CA PRO B 117 -7.61 39.80 21.21
C PRO B 117 -6.71 39.45 22.38
N GLY B 118 -6.85 38.23 22.90
CA GLY B 118 -5.96 37.73 23.94
C GLY B 118 -6.29 38.16 25.35
N LYS B 119 -7.41 38.88 25.53
CA LYS B 119 -7.78 39.40 26.84
C LYS B 119 -8.88 38.61 27.54
N GLU B 120 -8.48 37.71 28.44
CA GLU B 120 -9.46 36.89 29.16
C GLU B 120 -10.34 37.69 30.10
N LYS B 121 -9.85 38.83 30.56
CA LYS B 121 -10.72 39.66 31.44
C LYS B 121 -11.79 40.36 30.60
N ALA B 122 -11.43 40.87 29.43
CA ALA B 122 -12.43 41.44 28.53
C ALA B 122 -13.42 40.34 28.10
N LEU B 123 -12.91 39.13 27.88
CA LEU B 123 -13.81 38.01 27.58
C LEU B 123 -14.81 37.76 28.71
N MET B 124 -14.32 37.80 29.96
CA MET B 124 -15.17 37.56 31.12
C MET B 124 -16.28 38.60 31.23
N LYS B 125 -15.92 39.84 30.96
CA LYS B 125 -16.86 40.93 31.01
C LYS B 125 -17.90 40.69 29.94
N ALA B 126 -17.46 40.33 28.73
CA ALA B 126 -18.41 40.04 27.63
C ALA B 126 -19.46 38.98 27.97
N VAL B 127 -19.01 37.81 28.39
CA VAL B 127 -19.86 36.71 28.83
C VAL B 127 -20.82 37.11 29.98
N ALA B 128 -20.31 37.87 30.94
CA ALA B 128 -21.11 38.31 32.08
C ALA B 128 -22.22 39.25 31.62
N THR B 129 -21.90 40.14 30.70
CA THR B 129 -22.82 41.20 30.37
C THR B 129 -23.63 41.03 29.09
N VAL B 130 -23.18 40.16 28.17
CA VAL B 130 -23.74 40.14 26.82
C VAL B 130 -24.56 38.86 26.59
N GLY B 131 -24.01 37.72 27.04
CA GLY B 131 -24.60 36.41 26.78
C GLY B 131 -23.50 35.49 26.24
N PRO B 132 -23.89 34.32 25.69
CA PRO B 132 -22.90 33.41 25.12
C PRO B 132 -22.08 34.06 24.01
N ILE B 133 -20.79 33.73 23.95
CA ILE B 133 -19.85 34.37 23.03
C ILE B 133 -19.14 33.33 22.14
N SER B 134 -19.02 33.65 20.83
CA SER B 134 -18.30 32.79 19.86
C SER B 134 -16.79 32.97 20.10
N VAL B 135 -16.07 31.86 20.14
CA VAL B 135 -14.64 31.89 20.31
C VAL B 135 -14.04 30.75 19.46
N ALA B 136 -12.78 30.89 19.10
CA ALA B 136 -12.02 29.87 18.37
C ALA B 136 -11.05 29.30 19.36
N MET B 137 -10.68 28.04 19.16
CA MET B 137 -9.78 27.33 20.10
C MET B 137 -8.98 26.27 19.36
N ASP B 138 -7.89 25.86 19.98
CA ASP B 138 -7.06 24.76 19.50
C ASP B 138 -7.68 23.49 20.10
N ALA B 139 -8.40 22.75 19.27
CA ALA B 139 -9.05 21.54 19.75
C ALA B 139 -8.54 20.29 19.07
N GLY B 140 -7.38 20.36 18.43
CA GLY B 140 -6.88 19.20 17.70
C GLY B 140 -6.14 18.15 18.51
N HIS B 141 -5.98 18.37 19.83
CA HIS B 141 -5.20 17.44 20.67
C HIS B 141 -6.00 16.19 21.09
N SER B 142 -5.35 15.04 21.13
CA SER B 142 -5.97 13.81 21.60
C SER B 142 -6.69 14.00 22.92
N SER B 143 -6.07 14.75 23.83
CA SER B 143 -6.67 14.93 25.15
C SER B 143 -8.05 15.57 25.06
N PHE B 144 -8.24 16.41 24.04
CA PHE B 144 -9.54 17.08 23.91
C PHE B 144 -10.57 16.09 23.42
N GLN B 145 -10.15 15.23 22.50
CA GLN B 145 -11.03 14.20 22.00
C GLN B 145 -11.54 13.24 23.09
N PHE B 146 -10.67 12.91 24.05
CA PHE B 146 -11.05 12.03 25.15
C PHE B 146 -11.56 12.77 26.40
N TYR B 147 -11.82 14.05 26.30
CA TYR B 147 -12.31 14.78 27.45
C TYR B 147 -13.66 14.27 27.96
N LYS B 148 -13.84 14.23 29.27
CA LYS B 148 -15.07 13.78 29.90
C LYS B 148 -15.57 14.68 31.02
N SER B 149 -14.68 15.15 31.87
CA SER B 149 -15.09 15.99 33.00
C SER B 149 -13.93 16.80 33.54
N GLY B 150 -14.22 17.69 34.47
CA GLY B 150 -13.19 18.51 35.10
C GLY B 150 -12.73 19.62 34.19
N ILE B 151 -11.58 20.20 34.50
CA ILE B 151 -11.09 21.37 33.81
C ILE B 151 -10.04 20.90 32.83
N TYR B 152 -10.28 21.17 31.54
CA TYR B 152 -9.37 20.73 30.50
C TYR B 152 -8.09 21.59 30.50
N PHE B 153 -6.94 20.94 30.59
CA PHE B 153 -5.68 21.66 30.41
C PHE B 153 -4.73 20.79 29.62
N GLU B 154 -4.17 21.37 28.57
CA GLU B 154 -3.34 20.64 27.63
C GLU B 154 -2.08 21.47 27.43
N PRO B 155 -0.96 21.01 28.01
CA PRO B 155 0.29 21.77 28.01
C PRO B 155 0.69 22.26 26.63
N ASP B 156 0.50 21.41 25.61
CA ASP B 156 0.79 21.82 24.24
C ASP B 156 -0.30 22.61 23.50
N CYS B 157 -1.35 23.06 24.17
CA CYS B 157 -2.41 23.77 23.48
C CYS B 157 -1.88 25.09 22.91
N SER B 158 -2.29 25.41 21.67
CA SER B 158 -1.88 26.68 21.05
C SER B 158 -2.84 27.82 21.39
N SER B 159 -2.33 29.04 21.61
CA SER B 159 -3.24 30.20 21.72
C SER B 159 -3.30 30.97 20.40
N LYS B 160 -2.60 30.44 19.42
CA LYS B 160 -2.43 31.05 18.14
C LYS B 160 -3.02 30.34 16.95
N ASN B 161 -2.86 29.03 16.90
CA ASN B 161 -3.30 28.24 15.74
C ASN B 161 -4.59 27.51 16.12
N LEU B 162 -5.71 28.04 15.66
CA LEU B 162 -7.04 27.64 16.23
C LEU B 162 -7.87 26.94 15.15
N ASP B 163 -8.23 25.70 15.42
CA ASP B 163 -8.81 24.89 14.39
C ASP B 163 -10.29 24.57 14.68
N HIS B 164 -10.84 25.19 15.73
CA HIS B 164 -12.19 24.86 16.16
C HIS B 164 -12.93 26.14 16.55
N GLY B 165 -14.24 26.21 16.34
CA GLY B 165 -15.05 27.38 16.77
C GLY B 165 -16.14 26.86 17.68
N VAL B 166 -16.24 27.41 18.90
CA VAL B 166 -17.13 26.87 19.88
C VAL B 166 -17.82 28.05 20.57
N LEU B 167 -18.60 27.75 21.60
CA LEU B 167 -19.45 28.77 22.23
C LEU B 167 -19.20 28.84 23.73
N VAL B 168 -18.73 30.00 24.23
CA VAL B 168 -18.55 30.19 25.67
C VAL B 168 -19.91 30.62 26.25
N VAL B 169 -20.53 29.78 27.07
CA VAL B 169 -21.85 30.10 27.61
C VAL B 169 -21.82 30.46 29.12
N GLY B 170 -20.61 30.55 29.69
CA GLY B 170 -20.47 30.94 31.08
C GLY B 170 -19.06 30.75 31.56
N TYR B 171 -18.86 30.88 32.86
CA TYR B 171 -17.58 30.60 33.50
C TYR B 171 -17.79 30.29 34.97
N GLY B 172 -16.76 29.80 35.63
CA GLY B 172 -16.81 29.48 37.05
C GLY B 172 -15.49 29.08 37.70
N PHE B 173 -15.60 28.34 38.80
CA PHE B 173 -14.45 27.78 39.47
C PHE B 173 -14.82 26.47 40.16
N GLU B 174 -13.84 25.58 40.32
CA GLU B 174 -13.98 24.34 41.07
C GLU B 174 -13.30 24.53 42.41
N GLY B 175 -13.92 24.02 43.48
CA GLY B 175 -13.42 24.23 44.84
C GLY B 175 -14.12 25.38 45.54
N ALA B 176 -13.43 26.08 46.41
CA ALA B 176 -14.05 27.17 47.13
C ALA B 176 -13.30 28.48 47.06
N ASN B 177 -12.02 28.41 46.71
CA ASN B 177 -11.15 29.60 46.69
C ASN B 177 -11.57 30.68 45.72
N SER B 178 -12.54 30.38 44.87
CA SER B 178 -13.13 31.30 43.90
C SER B 178 -12.21 31.79 42.79
N ASP B 179 -10.92 31.70 43.01
CA ASP B 179 -9.94 32.09 42.02
C ASP B 179 -8.76 31.14 42.16
N ASN B 180 -8.50 30.50 41.04
CA ASN B 180 -7.54 29.43 40.83
C ASN B 180 -8.56 28.35 40.56
N SER B 181 -8.24 27.37 39.73
CA SER B 181 -9.25 26.40 39.40
C SER B 181 -10.44 27.07 38.70
N LYS B 182 -10.18 28.12 37.95
CA LYS B 182 -11.23 28.78 37.22
C LYS B 182 -11.38 28.12 35.84
N TYR B 183 -12.55 28.27 35.23
CA TYR B 183 -12.82 27.69 33.93
C TYR B 183 -13.84 28.45 33.12
N TRP B 184 -13.80 28.23 31.81
CA TRP B 184 -14.73 28.79 30.88
C TRP B 184 -15.68 27.66 30.59
N LEU B 185 -16.96 27.94 30.58
CA LEU B 185 -17.96 26.94 30.28
C LEU B 185 -18.22 26.94 28.76
N VAL B 186 -17.93 25.83 28.10
CA VAL B 186 -17.98 25.83 26.62
C VAL B 186 -18.96 24.78 26.05
N LYS B 187 -19.88 25.26 25.21
CA LYS B 187 -20.74 24.39 24.42
C LYS B 187 -19.97 23.92 23.16
N ASN B 188 -19.78 22.61 23.04
CA ASN B 188 -19.20 22.02 21.82
C ASN B 188 -20.29 21.66 20.82
N SER B 189 -19.91 21.30 19.60
CA SER B 189 -20.88 20.92 18.57
C SER B 189 -20.63 19.50 18.07
N TRP B 190 -20.29 18.61 19.00
CA TRP B 190 -20.02 17.22 18.65
C TRP B 190 -21.04 16.26 19.26
N GLY B 191 -22.28 16.70 19.39
CA GLY B 191 -23.32 15.84 19.99
C GLY B 191 -23.23 15.81 21.50
N PRO B 192 -24.36 15.47 22.17
CA PRO B 192 -24.39 15.30 23.65
C PRO B 192 -23.60 14.11 24.20
N GLU B 193 -23.22 13.17 23.33
CA GLU B 193 -22.43 12.00 23.71
C GLU B 193 -20.98 12.35 24.00
N TRP B 194 -20.48 13.45 23.45
CA TRP B 194 -19.10 13.83 23.71
C TRP B 194 -18.96 14.65 25.02
N GLY B 195 -17.84 14.45 25.70
CA GLY B 195 -17.42 15.30 26.82
C GLY B 195 -18.38 15.15 27.96
N SER B 196 -18.80 16.28 28.53
CA SER B 196 -19.78 16.24 29.62
C SER B 196 -21.15 16.70 29.11
N ASN B 197 -21.94 15.74 28.63
CA ASN B 197 -23.17 16.07 27.95
C ASN B 197 -22.95 17.10 26.81
N GLY B 198 -21.78 17.07 26.17
CA GLY B 198 -21.56 17.91 24.98
C GLY B 198 -20.85 19.20 25.32
N TYR B 199 -20.63 19.43 26.62
CA TYR B 199 -19.90 20.62 27.15
C TYR B 199 -18.50 20.25 27.65
N VAL B 200 -17.61 21.24 27.76
CA VAL B 200 -16.27 21.11 28.33
C VAL B 200 -16.00 22.33 29.20
N LYS B 201 -15.27 22.13 30.30
CA LYS B 201 -14.68 23.23 31.05
C LYS B 201 -13.22 23.39 30.61
N ILE B 202 -12.84 24.59 30.19
CA ILE B 202 -11.50 24.86 29.76
C ILE B 202 -10.81 25.81 30.73
N ALA B 203 -9.59 25.50 31.13
CA ALA B 203 -8.85 26.33 32.05
C ALA B 203 -8.98 27.81 31.71
N LYS B 204 -9.35 28.61 32.70
CA LYS B 204 -9.51 30.04 32.54
C LYS B 204 -8.43 30.81 33.27
N ASP B 205 -8.05 31.95 32.73
CA ASP B 205 -7.02 32.79 33.30
C ASP B 205 -5.68 32.09 33.47
N LYS B 206 -5.40 31.18 32.55
CA LYS B 206 -4.17 30.45 32.52
C LYS B 206 -3.45 30.73 31.22
N ASN B 207 -3.10 31.98 31.00
CA ASN B 207 -2.38 32.39 29.81
C ASN B 207 -3.18 32.11 28.53
N ASN B 208 -4.47 32.45 28.54
CA ASN B 208 -5.34 32.30 27.38
C ASN B 208 -5.23 30.90 26.83
N HIS B 209 -5.53 29.94 27.66
CA HIS B 209 -5.35 28.57 27.28
C HIS B 209 -6.11 28.12 26.05
N CYS B 210 -5.40 27.49 25.13
CA CYS B 210 -5.98 27.00 23.91
C CYS B 210 -6.56 28.12 23.02
N GLY B 211 -6.22 29.36 23.34
CA GLY B 211 -6.64 30.50 22.57
C GLY B 211 -8.09 30.94 22.66
N ILE B 212 -8.75 30.55 23.73
CA ILE B 212 -10.15 30.88 23.98
C ILE B 212 -10.47 32.36 23.82
N ALA B 213 -9.57 33.22 24.25
CA ALA B 213 -9.80 34.65 24.13
C ALA B 213 -9.13 35.32 22.96
N THR B 214 -8.59 34.54 22.02
CA THR B 214 -7.79 35.08 20.91
C THR B 214 -8.63 35.77 19.86
N ALA B 215 -9.79 35.19 19.54
CA ALA B 215 -10.56 35.66 18.40
C ALA B 215 -12.04 35.43 18.70
N ALA B 216 -12.49 36.09 19.78
CA ALA B 216 -13.84 35.99 20.31
C ALA B 216 -14.73 37.11 19.75
N SER B 217 -16.02 36.82 19.55
CA SER B 217 -16.92 37.81 18.96
C SER B 217 -18.35 37.45 19.26
N TYR B 218 -19.24 38.43 19.11
CA TYR B 218 -20.68 38.21 19.23
C TYR B 218 -21.42 39.11 18.22
N PRO B 219 -22.59 38.66 17.74
CA PRO B 219 -23.31 39.47 16.73
C PRO B 219 -24.11 40.61 17.42
N ASN B 220 -24.23 41.76 16.77
CA ASN B 220 -25.06 42.88 17.28
C ASN B 220 -26.47 42.76 16.66
N VAL B 221 -27.47 42.57 17.50
CA VAL B 221 -28.83 42.38 17.03
C VAL B 221 -29.73 43.57 17.37
N MET C 1 -4.08 28.35 9.94
CA MET C 1 -5.17 27.45 10.42
C MET C 1 -6.40 28.32 10.64
N ILE C 2 -7.57 27.78 10.27
CA ILE C 2 -8.86 28.44 10.46
C ILE C 2 -9.81 27.42 11.10
N PRO C 3 -10.91 27.86 11.71
CA PRO C 3 -11.82 26.86 12.27
C PRO C 3 -12.37 25.92 11.19
N GLY C 4 -12.21 24.60 11.40
CA GLY C 4 -12.69 23.63 10.39
C GLY C 4 -11.77 23.48 9.23
N GLY C 5 -10.62 24.17 9.26
CA GLY C 5 -9.64 24.07 8.17
C GLY C 5 -8.78 22.80 8.21
N LEU C 6 -8.21 22.41 7.08
CA LEU C 6 -7.26 21.27 7.03
C LEU C 6 -5.91 21.62 7.62
N SER C 7 -5.26 20.66 8.25
CA SER C 7 -3.90 20.86 8.77
C SER C 7 -2.89 21.01 7.63
N GLU C 8 -1.61 21.17 8.00
CA GLU C 8 -0.52 21.04 7.06
C GLU C 8 -0.36 19.58 6.65
N ALA C 9 0.23 19.36 5.49
CA ALA C 9 0.57 18.02 5.01
C ALA C 9 1.76 17.43 5.79
N LYS C 10 1.70 16.13 6.07
CA LYS C 10 2.79 15.37 6.70
C LYS C 10 3.04 14.08 5.95
N PRO C 11 4.28 13.60 5.94
CA PRO C 11 4.54 12.36 5.22
C PRO C 11 3.79 11.20 5.83
N ALA C 12 3.43 10.23 5.00
CA ALA C 12 2.69 9.07 5.44
C ALA C 12 3.50 8.22 6.40
N THR C 13 2.83 7.69 7.40
CA THR C 13 3.44 6.84 8.38
C THR C 13 2.78 5.48 8.30
N PRO C 14 3.26 4.49 9.08
CA PRO C 14 2.64 3.18 9.00
C PRO C 14 1.21 3.23 9.49
N GLU C 15 0.91 4.14 10.40
CA GLU C 15 -0.43 4.30 10.90
C GLU C 15 -1.34 4.77 9.77
N ILE C 16 -0.85 5.67 8.92
CA ILE C 16 -1.64 6.16 7.81
C ILE C 16 -1.79 5.06 6.78
N GLN C 17 -0.74 4.30 6.53
CA GLN C 17 -0.82 3.23 5.56
C GLN C 17 -1.84 2.21 6.04
N GLU C 18 -1.91 2.05 7.35
CA GLU C 18 -2.83 1.13 7.97
C GLU C 18 -4.25 1.54 7.62
N ILE C 19 -4.50 2.85 7.65
CA ILE C 19 -5.81 3.41 7.33
C ILE C 19 -6.18 3.09 5.90
N VAL C 20 -5.23 3.28 5.00
CA VAL C 20 -5.45 3.01 3.58
C VAL C 20 -5.73 1.52 3.37
N ASP C 21 -4.91 0.66 3.95
CA ASP C 21 -5.18 -0.79 3.87
C ASP C 21 -6.55 -1.14 4.33
N LYS C 22 -6.98 -0.57 5.47
CA LYS C 22 -8.31 -0.87 6.00
C LYS C 22 -9.43 -0.46 5.09
N VAL C 23 -9.30 0.68 4.39
CA VAL C 23 -10.40 1.16 3.59
C VAL C 23 -10.27 0.73 2.10
N LYS C 24 -9.13 0.17 1.70
CA LYS C 24 -8.96 -0.35 0.33
C LYS C 24 -10.20 -1.11 -0.23
N PRO C 25 -10.78 -2.08 0.52
CA PRO C 25 -11.96 -2.75 -0.07
C PRO C 25 -13.16 -1.82 -0.21
N GLN C 26 -13.28 -0.81 0.65
CA GLN C 26 -14.33 0.22 0.45
C GLN C 26 -14.13 0.99 -0.86
N LEU C 27 -12.86 1.31 -1.14
CA LEU C 27 -12.52 2.01 -2.39
C LEU C 27 -12.84 1.15 -3.63
N GLU C 28 -12.42 -0.09 -3.59
CA GLU C 28 -12.67 -1.06 -4.67
C GLU C 28 -14.15 -1.25 -4.91
N GLU C 29 -14.92 -1.35 -3.83
CA GLU C 29 -16.40 -1.36 -3.93
C GLU C 29 -16.97 -0.15 -4.70
N LYS C 30 -16.44 1.07 -4.46
CA LYS C 30 -16.99 2.27 -5.11
C LYS C 30 -16.56 2.40 -6.56
N THR C 31 -15.29 2.13 -6.82
CA THR C 31 -14.78 2.40 -8.14
C THR C 31 -15.03 1.22 -9.05
N ASN C 32 -15.26 0.05 -8.44
CA ASN C 32 -15.29 -1.22 -9.16
C ASN C 32 -13.97 -1.53 -9.87
N GLU C 33 -12.87 -1.13 -9.24
CA GLU C 33 -11.55 -1.45 -9.75
C GLU C 33 -10.87 -2.34 -8.75
N THR C 34 -9.78 -2.97 -9.17
CA THR C 34 -8.90 -3.75 -8.30
C THR C 34 -7.57 -3.00 -8.27
N TYR C 35 -6.96 -2.88 -7.09
CA TYR C 35 -5.65 -2.23 -6.99
C TYR C 35 -4.67 -3.24 -6.45
N GLY C 36 -3.55 -3.42 -7.16
CA GLY C 36 -2.50 -4.32 -6.68
C GLY C 36 -1.72 -3.68 -5.56
N LYS C 37 -1.61 -2.34 -5.60
CA LYS C 37 -0.84 -1.59 -4.59
C LYS C 37 -1.50 -0.21 -4.40
N LEU C 38 -1.63 0.18 -3.15
CA LEU C 38 -2.13 1.52 -2.75
C LEU C 38 -1.26 2.05 -1.62
N GLU C 39 -0.39 2.98 -1.95
CA GLU C 39 0.61 3.35 -0.98
C GLU C 39 0.39 4.77 -0.49
N ALA C 40 0.22 4.92 0.82
CA ALA C 40 0.08 6.26 1.43
C ALA C 40 1.37 7.05 1.27
N VAL C 41 1.24 8.26 0.75
CA VAL C 41 2.35 9.13 0.49
C VAL C 41 2.35 10.32 1.47
N GLN C 42 1.24 11.06 1.50
CA GLN C 42 1.09 12.30 2.29
C GLN C 42 -0.31 12.37 2.90
N TYR C 43 -0.50 13.11 3.99
CA TYR C 43 -1.86 13.27 4.53
C TYR C 43 -2.00 14.57 5.31
N LYS C 44 -3.27 15.00 5.43
CA LYS C 44 -3.74 16.11 6.28
C LYS C 44 -4.86 15.58 7.15
N THR C 45 -5.10 16.24 8.30
CA THR C 45 -6.23 15.92 9.13
C THR C 45 -7.13 17.14 9.19
N GLN C 46 -8.40 16.94 9.52
CA GLN C 46 -9.31 18.04 9.73
C GLN C 46 -10.15 17.64 10.94
N VAL C 47 -10.19 18.53 11.93
CA VAL C 47 -10.94 18.26 13.15
C VAL C 47 -12.39 18.51 12.81
N VAL C 48 -13.21 17.49 13.05
CA VAL C 48 -14.66 17.59 12.94
C VAL C 48 -15.25 16.99 14.20
N ALA C 49 -16.49 16.48 14.17
CA ALA C 49 -16.97 15.68 15.28
C ALA C 49 -16.31 14.31 15.10
N GLY C 50 -15.01 14.27 15.31
CA GLY C 50 -14.24 13.15 14.81
C GLY C 50 -13.09 13.72 14.05
N THR C 51 -12.50 12.90 13.19
CA THR C 51 -11.35 13.33 12.39
C THR C 51 -11.50 12.90 10.95
N ASN C 52 -11.29 13.83 10.05
CA ASN C 52 -11.14 13.45 8.64
C ASN C 52 -9.68 13.38 8.32
N TYR C 53 -9.29 12.29 7.66
CA TYR C 53 -7.93 12.14 7.10
C TYR C 53 -8.07 12.36 5.61
N TYR C 54 -7.22 13.22 5.03
CA TYR C 54 -7.18 13.39 3.60
C TYR C 54 -5.85 12.81 3.21
N ILE C 55 -5.85 11.76 2.39
CA ILE C 55 -4.62 10.97 2.21
C ILE C 55 -4.31 10.89 0.73
N LYS C 56 -3.09 11.31 0.36
CA LYS C 56 -2.67 11.13 -1.00
C LYS C 56 -2.07 9.74 -1.15
N VAL C 57 -2.64 8.97 -2.08
CA VAL C 57 -2.19 7.59 -2.37
C VAL C 57 -1.71 7.41 -3.79
N ARG C 58 -0.66 6.60 -3.90
CA ARG C 58 -0.09 6.26 -5.21
C ARG C 58 -0.50 4.80 -5.48
N ALA C 59 -1.28 4.61 -6.52
CA ALA C 59 -1.75 3.29 -6.96
C ALA C 59 -0.63 2.57 -7.72
N GLY C 60 -0.79 1.28 -7.91
CA GLY C 60 0.27 0.48 -8.53
C GLY C 60 0.58 0.90 -9.94
N ASP C 61 -0.38 1.55 -10.60
CA ASP C 61 -0.16 2.01 -11.99
C ASP C 61 0.40 3.43 -12.07
N ASN C 62 0.96 3.88 -10.95
CA ASN C 62 1.47 5.24 -10.71
C ASN C 62 0.50 6.43 -10.89
N LYS C 63 -0.79 6.15 -11.02
CA LYS C 63 -1.78 7.21 -10.86
C LYS C 63 -1.95 7.55 -9.36
N TYR C 64 -2.36 8.79 -9.06
CA TYR C 64 -2.59 9.22 -7.65
C TYR C 64 -4.07 9.41 -7.37
N MET C 65 -4.50 9.17 -6.12
CA MET C 65 -5.85 9.54 -5.70
C MET C 65 -5.78 10.25 -4.36
N HIS C 66 -6.84 10.97 -4.04
CA HIS C 66 -6.94 11.59 -2.73
C HIS C 66 -8.12 10.93 -2.04
N LEU C 67 -7.86 10.35 -0.88
CA LEU C 67 -8.91 9.65 -0.16
C LEU C 67 -9.31 10.47 1.08
N LYS C 68 -10.61 10.50 1.40
CA LYS C 68 -11.12 11.16 2.58
C LYS C 68 -11.67 10.06 3.49
N VAL C 69 -11.07 9.87 4.67
CA VAL C 69 -11.43 8.78 5.57
C VAL C 69 -11.84 9.36 6.92
N PHE C 70 -13.02 8.95 7.41
CA PHE C 70 -13.53 9.48 8.66
C PHE C 70 -13.29 8.53 9.83
N LYS C 71 -12.68 9.04 10.88
CA LYS C 71 -12.48 8.32 12.13
C LYS C 71 -13.35 8.96 13.21
N SER C 72 -14.23 8.18 13.81
CA SER C 72 -15.14 8.69 14.82
C SER C 72 -14.51 9.01 16.16
N LEU C 73 -15.22 9.78 16.97
CA LEU C 73 -14.74 10.14 18.29
C LEU C 73 -14.73 8.91 19.18
N PRO C 74 -14.01 8.96 20.31
CA PRO C 74 -13.93 7.85 21.24
C PRO C 74 -15.30 7.41 21.71
N GLY C 75 -15.45 6.12 21.93
CA GLY C 75 -16.72 5.60 22.38
C GLY C 75 -17.79 5.35 21.33
N GLN C 76 -17.57 5.83 20.11
CA GLN C 76 -18.55 5.66 19.06
C GLN C 76 -18.53 4.31 18.40
N ASN C 77 -17.45 3.58 18.60
CA ASN C 77 -17.30 2.21 18.10
C ASN C 77 -17.60 1.97 16.62
N GLU C 78 -17.16 2.88 15.78
CA GLU C 78 -17.37 2.74 14.36
C GLU C 78 -16.07 2.48 13.65
N ASP C 79 -16.16 1.75 12.56
CA ASP C 79 -14.98 1.46 11.79
C ASP C 79 -14.65 2.65 10.92
N LEU C 80 -13.41 2.75 10.47
CA LEU C 80 -12.99 3.83 9.60
C LEU C 80 -13.83 3.81 8.36
N VAL C 81 -14.34 4.94 7.96
CA VAL C 81 -15.15 4.97 6.76
C VAL C 81 -14.59 5.85 5.67
N LEU C 82 -14.50 5.30 4.46
CA LEU C 82 -14.05 6.05 3.31
C LEU C 82 -15.28 6.85 2.89
N THR C 83 -15.30 8.14 3.18
CA THR C 83 -16.45 8.98 2.90
C THR C 83 -16.33 9.79 1.61
N GLY C 84 -15.17 9.78 0.96
CA GLY C 84 -15.02 10.43 -0.36
C GLY C 84 -13.68 10.09 -1.02
N TYR C 85 -13.56 10.34 -2.33
CA TYR C 85 -12.28 10.15 -2.99
C TYR C 85 -12.22 10.97 -4.26
N GLN C 86 -11.03 11.38 -4.67
CA GLN C 86 -10.84 12.00 -5.98
C GLN C 86 -9.86 11.14 -6.75
N VAL C 87 -10.21 10.82 -7.99
CA VAL C 87 -9.35 10.01 -8.88
C VAL C 87 -8.44 10.90 -9.76
N ASP C 88 -7.39 10.31 -10.34
CA ASP C 88 -6.59 10.97 -11.39
C ASP C 88 -5.86 12.23 -10.92
N LYS C 89 -5.22 12.16 -9.76
CA LYS C 89 -4.60 13.34 -9.19
C LYS C 89 -3.13 13.34 -9.55
N ASN C 90 -2.51 14.52 -9.54
CA ASN C 90 -1.08 14.62 -9.76
C ASN C 90 -0.31 14.33 -8.50
N LYS C 91 0.87 13.74 -8.64
CA LYS C 91 1.80 13.58 -7.54
C LYS C 91 1.87 14.81 -6.63
N ASP C 92 1.94 16.00 -7.24
CA ASP C 92 2.19 17.22 -6.49
C ASP C 92 0.95 18.02 -6.19
N ASP C 93 -0.24 17.52 -6.54
CA ASP C 93 -1.48 18.24 -6.24
C ASP C 93 -1.61 18.44 -4.74
N GLU C 94 -2.09 19.60 -4.30
CA GLU C 94 -2.26 19.81 -2.88
C GLU C 94 -3.44 18.99 -2.36
N LEU C 95 -3.37 18.59 -1.12
CA LEU C 95 -4.47 17.92 -0.51
C LEU C 95 -5.40 19.04 -0.03
N THR C 96 -6.57 19.16 -0.63
CA THR C 96 -7.52 20.13 -0.15
C THR C 96 -8.84 19.48 0.20
N GLY C 97 -9.64 20.15 1.01
CA GLY C 97 -10.90 19.61 1.46
C GLY C 97 -11.92 19.40 0.37
N PHE C 98 -12.76 18.40 0.51
CA PHE C 98 -13.86 18.17 -0.43
C PHE C 98 -14.87 17.31 0.27
N MET D 1 28.35 -20.49 -18.56
CA MET D 1 27.16 -21.06 -17.87
C MET D 1 26.01 -20.06 -17.91
N ILE D 2 24.82 -20.53 -18.28
CA ILE D 2 23.61 -19.74 -18.40
C ILE D 2 22.46 -20.54 -17.78
N PRO D 3 21.38 -19.86 -17.32
CA PRO D 3 20.24 -20.58 -16.75
C PRO D 3 19.67 -21.58 -17.76
N GLY D 4 19.64 -22.87 -17.40
CA GLY D 4 19.09 -23.91 -18.26
C GLY D 4 20.07 -24.33 -19.36
N GLY D 5 21.28 -23.75 -19.34
CA GLY D 5 22.31 -24.08 -20.32
C GLY D 5 23.10 -25.33 -19.97
N LEU D 6 23.94 -25.81 -20.87
CA LEU D 6 24.73 -26.99 -20.56
C LEU D 6 26.02 -26.54 -19.93
N SER D 7 26.61 -27.38 -19.10
CA SER D 7 27.88 -27.06 -18.45
C SER D 7 29.02 -27.20 -19.44
N GLU D 8 30.23 -26.86 -18.98
CA GLU D 8 31.47 -27.16 -19.69
C GLU D 8 31.62 -28.68 -19.71
N ALA D 9 32.29 -29.20 -20.74
CA ALA D 9 32.58 -30.64 -20.81
C ALA D 9 33.55 -30.99 -19.72
N LYS D 10 33.41 -32.19 -19.20
CA LYS D 10 34.30 -32.69 -18.20
C LYS D 10 34.60 -34.13 -18.59
N PRO D 11 35.82 -34.59 -18.32
CA PRO D 11 36.09 -35.99 -18.71
C PRO D 11 35.24 -36.95 -17.87
N ALA D 12 34.80 -38.06 -18.48
CA ALA D 12 33.92 -39.02 -17.80
C ALA D 12 34.52 -39.52 -16.51
N THR D 13 33.69 -39.83 -15.52
CA THR D 13 34.11 -40.49 -14.29
C THR D 13 33.36 -41.83 -14.22
N PRO D 14 33.72 -42.73 -13.27
CA PRO D 14 33.01 -44.02 -13.12
C PRO D 14 31.49 -43.91 -12.94
N GLU D 15 31.04 -42.89 -12.19
CA GLU D 15 29.61 -42.55 -12.09
C GLU D 15 28.98 -42.38 -13.46
N ILE D 16 29.63 -41.60 -14.32
CA ILE D 16 29.13 -41.40 -15.68
C ILE D 16 29.14 -42.72 -16.45
N GLN D 17 30.26 -43.46 -16.39
CA GLN D 17 30.31 -44.80 -16.97
C GLN D 17 29.13 -45.66 -16.48
N GLU D 18 28.89 -45.59 -15.17
CA GLU D 18 27.78 -46.28 -14.52
C GLU D 18 26.43 -45.91 -15.18
N ILE D 19 26.20 -44.60 -15.38
CA ILE D 19 24.97 -44.13 -16.01
C ILE D 19 24.86 -44.69 -17.41
N VAL D 20 25.98 -44.72 -18.13
CA VAL D 20 25.95 -45.30 -19.47
C VAL D 20 25.60 -46.79 -19.40
N ASP D 21 26.22 -47.52 -18.47
CA ASP D 21 25.96 -48.96 -18.33
C ASP D 21 24.48 -49.20 -18.05
N LYS D 22 23.97 -48.55 -17.00
CA LYS D 22 22.56 -48.66 -16.61
C LYS D 22 21.60 -48.40 -17.76
N VAL D 23 21.97 -47.48 -18.65
CA VAL D 23 21.11 -47.02 -19.73
C VAL D 23 21.32 -47.78 -21.06
N LYS D 24 22.36 -48.61 -21.14
CA LYS D 24 22.70 -49.33 -22.38
C LYS D 24 21.57 -50.12 -23.04
N PRO D 25 20.80 -50.90 -22.23
CA PRO D 25 19.62 -51.62 -22.74
C PRO D 25 18.67 -50.76 -23.58
N GLN D 26 18.40 -49.53 -23.11
CA GLN D 26 17.47 -48.64 -23.76
C GLN D 26 17.97 -48.21 -25.12
N LEU D 27 19.29 -47.99 -25.22
CA LEU D 27 19.89 -47.58 -26.50
C LEU D 27 19.79 -48.70 -27.55
N GLU D 28 20.04 -49.93 -27.11
CA GLU D 28 20.04 -51.07 -28.03
C GLU D 28 18.63 -51.17 -28.64
N GLU D 29 17.64 -50.98 -27.76
CA GLU D 29 16.23 -50.90 -28.09
C GLU D 29 15.94 -49.90 -29.22
N LYS D 30 16.45 -48.68 -29.11
CA LYS D 30 16.14 -47.64 -30.10
C LYS D 30 16.83 -47.83 -31.43
N THR D 31 18.07 -48.31 -31.38
CA THR D 31 18.89 -48.36 -32.58
C THR D 31 18.74 -49.68 -33.35
N ASN D 32 18.21 -50.71 -32.66
CA ASN D 32 18.07 -52.10 -33.14
C ASN D 32 19.35 -52.93 -33.01
N GLU D 33 20.48 -52.28 -33.29
CA GLU D 33 21.80 -52.85 -33.17
C GLU D 33 22.15 -53.06 -31.69
N THR D 34 23.19 -53.87 -31.44
CA THR D 34 23.64 -54.21 -30.09
C THR D 34 25.16 -53.93 -29.94
N TYR D 35 25.59 -53.56 -28.74
CA TYR D 35 26.94 -53.02 -28.57
C TYR D 35 27.79 -53.85 -27.62
N GLY D 36 29.07 -53.97 -27.97
CA GLY D 36 30.08 -54.36 -26.98
C GLY D 36 30.05 -53.24 -25.96
N LYS D 37 31.09 -53.05 -25.19
CA LYS D 37 30.97 -51.97 -24.24
C LYS D 37 31.04 -50.62 -24.90
N LEU D 38 30.33 -49.69 -24.28
CA LEU D 38 30.39 -48.29 -24.66
C LEU D 38 31.29 -47.60 -23.64
N GLU D 39 32.31 -46.92 -24.10
CA GLU D 39 33.16 -46.23 -23.20
C GLU D 39 32.69 -44.81 -23.08
N ALA D 40 32.39 -44.41 -21.86
CA ALA D 40 32.01 -43.03 -21.59
C ALA D 40 33.28 -42.20 -21.59
N VAL D 41 33.32 -41.20 -22.46
CA VAL D 41 34.53 -40.43 -22.66
C VAL D 41 34.45 -39.06 -21.99
N GLN D 42 33.38 -38.31 -22.29
CA GLN D 42 33.13 -37.01 -21.63
C GLN D 42 31.64 -36.68 -21.55
N TYR D 43 31.31 -35.73 -20.70
CA TYR D 43 29.93 -35.38 -20.50
C TYR D 43 29.71 -33.94 -20.08
N LYS D 44 28.46 -33.49 -20.22
CA LYS D 44 28.00 -32.19 -19.81
C LYS D 44 26.69 -32.43 -19.07
N THR D 45 26.33 -31.53 -18.17
CA THR D 45 25.08 -31.65 -17.45
C THR D 45 24.28 -30.39 -17.70
N GLN D 46 22.97 -30.51 -17.56
CA GLN D 46 22.06 -29.41 -17.74
C GLN D 46 21.03 -29.57 -16.67
N VAL D 47 20.82 -28.53 -15.87
CA VAL D 47 19.83 -28.64 -14.82
C VAL D 47 18.44 -28.24 -15.31
N VAL D 48 17.49 -29.12 -15.04
CA VAL D 48 16.10 -28.93 -15.37
C VAL D 48 15.34 -29.27 -14.09
N ALA D 49 14.12 -29.79 -14.20
CA ALA D 49 13.41 -30.26 -13.02
C ALA D 49 13.94 -31.70 -12.94
N GLY D 50 15.19 -31.81 -12.55
CA GLY D 50 15.92 -33.07 -12.53
C GLY D 50 17.21 -32.73 -13.23
N THR D 51 17.85 -33.68 -13.89
CA THR D 51 19.10 -33.39 -14.56
C THR D 51 19.26 -34.08 -15.90
N ASN D 52 19.65 -33.33 -16.93
CA ASN D 52 20.00 -33.95 -18.20
C ASN D 52 21.53 -34.11 -18.29
N TYR D 53 21.97 -35.33 -18.55
CA TYR D 53 23.38 -35.65 -18.79
C TYR D 53 23.51 -35.83 -20.27
N TYR D 54 24.51 -35.16 -20.86
CA TYR D 54 24.81 -35.36 -22.25
C TYR D 54 26.18 -36.01 -22.30
N ILE D 55 26.21 -37.27 -22.69
CA ILE D 55 27.39 -38.09 -22.67
C ILE D 55 27.89 -38.58 -24.01
N LYS D 56 29.17 -38.37 -24.26
CA LYS D 56 29.82 -38.83 -25.48
C LYS D 56 30.39 -40.20 -25.16
N VAL D 57 30.01 -41.19 -25.94
CA VAL D 57 30.47 -42.53 -25.71
C VAL D 57 31.14 -43.09 -26.94
N ARG D 58 31.97 -44.09 -26.77
CA ARG D 58 32.67 -44.70 -27.89
C ARG D 58 32.30 -46.14 -28.01
N ALA D 59 31.88 -46.52 -29.20
CA ALA D 59 31.48 -47.88 -29.51
C ALA D 59 32.61 -48.90 -29.65
N GLY D 60 33.84 -48.42 -29.61
CA GLY D 60 34.95 -49.36 -29.67
C GLY D 60 35.23 -49.89 -31.04
N ASP D 61 34.99 -49.03 -32.03
CA ASP D 61 35.25 -49.33 -33.43
C ASP D 61 35.44 -47.91 -33.93
N ASN D 62 35.83 -47.04 -32.99
CA ASN D 62 36.07 -45.65 -33.27
C ASN D 62 34.80 -44.90 -33.66
N LYS D 63 33.65 -45.48 -33.39
CA LYS D 63 32.37 -44.86 -33.66
C LYS D 63 31.96 -44.18 -32.38
N TYR D 64 31.40 -42.99 -32.49
CA TYR D 64 30.95 -42.26 -31.34
C TYR D 64 29.50 -41.85 -31.41
N MET D 65 28.88 -41.84 -30.24
CA MET D 65 27.50 -41.45 -30.08
C MET D 65 27.32 -40.49 -28.91
N HIS D 66 26.31 -39.67 -29.00
CA HIS D 66 25.99 -38.73 -27.95
C HIS D 66 24.68 -39.13 -27.32
N LEU D 67 24.69 -39.41 -26.04
CA LEU D 67 23.49 -39.81 -25.30
C LEU D 67 22.94 -38.70 -24.39
N LYS D 68 21.60 -38.65 -24.30
CA LYS D 68 20.90 -37.72 -23.40
C LYS D 68 20.13 -38.54 -22.37
N VAL D 69 20.60 -38.49 -21.13
CA VAL D 69 20.02 -39.27 -20.05
C VAL D 69 19.39 -38.36 -19.00
N PHE D 70 18.10 -38.56 -18.76
CA PHE D 70 17.38 -37.80 -17.74
C PHE D 70 17.40 -38.46 -16.38
N LYS D 71 17.87 -37.74 -15.37
CA LYS D 71 17.82 -38.16 -13.99
C LYS D 71 16.77 -37.35 -13.24
N SER D 72 15.73 -38.02 -12.74
CA SER D 72 14.60 -37.31 -12.08
C SER D 72 15.00 -36.77 -10.74
N LEU D 73 14.19 -35.89 -10.21
CA LEU D 73 14.41 -35.34 -8.89
C LEU D 73 14.19 -36.43 -7.84
N PRO D 74 14.71 -36.24 -6.63
CA PRO D 74 14.56 -37.20 -5.56
C PRO D 74 13.22 -37.85 -5.30
N GLY D 75 12.14 -37.09 -5.29
CA GLY D 75 10.88 -37.72 -4.96
C GLY D 75 10.04 -38.45 -5.99
N GLN D 76 10.48 -38.44 -7.22
CA GLN D 76 9.72 -39.05 -8.30
C GLN D 76 9.87 -40.52 -8.41
N ASN D 77 10.82 -41.07 -7.65
CA ASN D 77 11.20 -42.49 -7.73
C ASN D 77 11.04 -43.09 -9.12
N GLU D 78 11.90 -42.62 -10.02
CA GLU D 78 11.95 -43.07 -11.38
C GLU D 78 13.43 -43.36 -11.65
N ASP D 79 13.72 -44.38 -12.43
CA ASP D 79 15.11 -44.70 -12.77
C ASP D 79 15.57 -43.82 -13.92
N LEU D 80 16.85 -43.88 -14.26
CA LEU D 80 17.43 -43.11 -15.34
C LEU D 80 16.82 -43.43 -16.68
N VAL D 81 16.52 -42.41 -17.46
CA VAL D 81 15.93 -42.64 -18.76
C VAL D 81 16.70 -42.01 -19.90
N LEU D 82 16.93 -42.76 -20.95
CA LEU D 82 17.55 -42.25 -22.14
C LEU D 82 16.48 -41.51 -22.90
N THR D 83 16.56 -40.19 -22.85
CA THR D 83 15.52 -39.40 -23.49
C THR D 83 15.95 -38.97 -24.89
N GLY D 84 17.21 -39.13 -25.24
CA GLY D 84 17.65 -38.82 -26.60
C GLY D 84 18.98 -39.46 -26.91
N TYR D 85 19.33 -39.49 -28.19
CA TYR D 85 20.66 -39.97 -28.62
C TYR D 85 20.91 -39.52 -30.04
N GLN D 86 22.18 -39.35 -30.39
CA GLN D 86 22.61 -39.06 -31.75
C GLN D 86 23.72 -40.03 -32.11
N VAL D 87 23.70 -40.53 -33.34
CA VAL D 87 24.69 -41.55 -33.73
C VAL D 87 25.65 -40.95 -34.77
N ASP D 88 26.69 -41.71 -35.13
CA ASP D 88 27.70 -41.30 -36.14
C ASP D 88 28.43 -39.99 -35.82
N LYS D 89 28.88 -39.87 -34.57
CA LYS D 89 29.53 -38.63 -34.10
C LYS D 89 31.06 -38.70 -34.17
N ASN D 90 31.70 -37.54 -34.25
CA ASN D 90 33.16 -37.45 -34.30
C ASN D 90 33.75 -37.39 -32.91
N LYS D 91 34.90 -37.97 -32.72
CA LYS D 91 35.58 -37.92 -31.46
C LYS D 91 35.59 -36.50 -30.87
N ASP D 92 35.76 -35.49 -31.72
CA ASP D 92 35.90 -34.11 -31.26
C ASP D 92 34.64 -33.22 -31.36
N ASP D 93 33.53 -33.79 -31.82
CA ASP D 93 32.25 -33.08 -31.81
C ASP D 93 31.97 -32.52 -30.42
N GLU D 94 31.45 -31.30 -30.36
CA GLU D 94 31.10 -30.71 -29.10
C GLU D 94 29.78 -31.34 -28.66
N LEU D 95 29.64 -31.57 -27.37
CA LEU D 95 28.36 -32.01 -26.83
C LEU D 95 27.49 -30.77 -26.81
N THR D 96 26.29 -30.89 -27.38
CA THR D 96 25.37 -29.74 -27.39
C THR D 96 23.98 -30.18 -26.97
N GLY D 97 23.20 -29.24 -26.45
CA GLY D 97 21.82 -29.55 -26.08
C GLY D 97 21.00 -29.89 -27.32
N PHE D 98 20.23 -30.96 -27.23
CA PHE D 98 19.27 -31.32 -28.26
C PHE D 98 18.07 -32.01 -27.59
#